data_6R45
#
_entry.id   6R45
#
_cell.length_a   43.250
_cell.length_b   43.520
_cell.length_c   59.840
_cell.angle_alpha   87.52
_cell.angle_beta   85.24
_cell.angle_gamma   87.58
#
_symmetry.space_group_name_H-M   'P 1'
#
loop_
_entity.id
_entity.type
_entity.pdbx_description
1 polymer O-GlcNAcase
2 non-polymer 2-AMINO-2-HYDROXYMETHYL-PROPANE-1,3-DIOL
3 water water
#
_entity_poly.entity_id   1
_entity_poly.type   'polypeptide(L)'
_entity_poly.pdbx_seq_one_letter_code
;TLKNSDAYVIRPFMPSDEETLYDLCLKSCIENSNGDEIYKREPRIIGDRDLGAYIYLHPEYIYVLEDDRDKICGYLCGAL
DSKQFYERYESEWLTQIRDRHPQPENDIASWTPEEIVANSFYNFTPPTDVSVLYLSHLEARFDSSVPEKVIKRIIRFILE
QLKAKGSYGASMLIDSWRTNLRRIFTSMGFVDLQEYSWMSEQKCMIAIKLM
;
_entity_poly.pdbx_strand_id   A,B
#
loop_
_chem_comp.id
_chem_comp.type
_chem_comp.name
_chem_comp.formula
TRS non-polymer 2-AMINO-2-HYDROXYMETHYL-PROPANE-1,3-DIOL 'C4 H12 N O3 1'
#
# COMPACT_ATOMS: atom_id res chain seq x y z
N LYS A 3 -11.58 15.11 16.52
CA LYS A 3 -11.01 16.44 16.12
C LYS A 3 -9.51 16.30 15.84
N ASN A 4 -8.74 15.52 16.63
CA ASN A 4 -7.33 15.14 16.33
C ASN A 4 -7.31 14.00 15.29
N SER A 5 -6.42 14.11 14.28
CA SER A 5 -6.31 13.18 13.12
C SER A 5 -4.85 12.75 12.95
N ASP A 6 -4.65 11.46 12.75
CA ASP A 6 -3.35 10.87 12.32
C ASP A 6 -3.65 10.10 11.04
N ALA A 7 -2.72 10.13 10.11
CA ALA A 7 -2.94 9.43 8.82
C ALA A 7 -1.79 8.47 8.60
N TYR A 8 -2.09 7.19 8.65
CA TYR A 8 -1.15 6.07 8.47
C TYR A 8 -1.13 5.68 7.00
N VAL A 9 0.03 5.24 6.55
CA VAL A 9 0.24 4.68 5.21
C VAL A 9 0.66 3.21 5.35
N ILE A 10 -0.04 2.34 4.65
CA ILE A 10 0.46 0.99 4.41
C ILE A 10 0.87 0.94 2.94
N ARG A 11 2.07 0.47 2.68
CA ARG A 11 2.55 0.55 1.30
C ARG A 11 3.57 -0.56 1.10
N PRO A 12 3.80 -0.94 -0.16
CA PRO A 12 4.80 -1.97 -0.46
C PRO A 12 6.19 -1.52 0.02
N PHE A 13 6.93 -2.54 0.47
CA PHE A 13 8.33 -2.42 0.86
C PHE A 13 9.13 -1.83 -0.31
N MET A 14 10.09 -0.97 0.02
CA MET A 14 11.16 -0.54 -0.95
C MET A 14 12.51 -0.88 -0.32
N PRO A 15 13.53 -1.30 -1.11
CA PRO A 15 14.83 -1.64 -0.54
C PRO A 15 15.40 -0.65 0.48
N SER A 16 15.08 0.64 0.34
CA SER A 16 15.56 1.71 1.26
C SER A 16 14.99 1.50 2.66
N ASP A 17 13.91 0.71 2.80
CA ASP A 17 13.28 0.48 4.11
C ASP A 17 14.09 -0.47 4.99
N GLU A 18 15.01 -1.23 4.38
CA GLU A 18 15.58 -2.44 5.01
C GLU A 18 16.23 -2.03 6.32
N GLU A 19 17.03 -0.96 6.35
CA GLU A 19 17.78 -0.60 7.58
C GLU A 19 16.81 -0.31 8.72
N THR A 20 15.76 0.47 8.45
CA THR A 20 14.81 0.89 9.50
C THR A 20 14.04 -0.35 9.96
N LEU A 21 13.66 -1.20 9.01
CA LEU A 21 12.95 -2.44 9.37
C LEU A 21 13.85 -3.33 10.22
N TYR A 22 15.13 -3.49 9.84
CA TYR A 22 16.08 -4.30 10.64
C TYR A 22 16.17 -3.74 12.06
N ASP A 23 16.07 -2.40 12.21
CA ASP A 23 16.16 -1.75 13.55
C ASP A 23 14.95 -2.15 14.36
N LEU A 24 13.78 -2.07 13.73
CA LEU A 24 12.48 -2.41 14.37
C LEU A 24 12.51 -3.89 14.81
N CYS A 25 12.97 -4.79 13.93
CA CYS A 25 13.15 -6.25 14.23
C CYS A 25 14.03 -6.46 15.48
N LEU A 26 15.17 -5.76 15.53
CA LEU A 26 16.18 -5.86 16.62
C LEU A 26 15.56 -5.39 17.93
N LYS A 27 14.88 -4.24 17.91
CA LYS A 27 14.24 -3.67 19.14
C LYS A 27 13.11 -4.59 19.63
N SER A 28 12.50 -5.36 18.74
CA SER A 28 11.28 -6.17 18.99
C SER A 28 11.61 -7.61 19.38
N CYS A 29 12.84 -8.11 19.18
CA CYS A 29 13.04 -9.60 19.13
C CYS A 29 13.07 -10.22 20.54
N ILE A 30 13.33 -9.44 21.60
CA ILE A 30 13.43 -9.96 22.99
C ILE A 30 12.40 -9.23 23.86
N GLU A 31 11.78 -9.97 24.78
CA GLU A 31 10.72 -9.46 25.70
C GLU A 31 11.37 -8.43 26.64
N ASN A 32 10.82 -7.22 26.71
CA ASN A 32 11.23 -6.13 27.65
C ASN A 32 12.73 -5.91 27.52
N SER A 33 13.17 -5.72 26.27
CA SER A 33 14.57 -5.40 25.91
C SER A 33 14.62 -5.11 24.41
N ASN A 34 15.12 -3.92 24.06
CA ASN A 34 15.71 -3.69 22.72
C ASN A 34 16.90 -4.65 22.60
N GLY A 35 16.91 -5.44 21.54
CA GLY A 35 17.98 -6.41 21.24
C GLY A 35 19.26 -5.73 20.86
N ASP A 36 19.26 -4.39 20.71
CA ASP A 36 20.46 -3.60 20.31
C ASP A 36 21.56 -3.74 21.37
N GLU A 37 21.21 -4.05 22.63
CA GLU A 37 22.18 -4.14 23.75
C GLU A 37 22.54 -5.61 24.05
N ILE A 38 21.95 -6.56 23.34
CA ILE A 38 22.27 -8.03 23.48
C ILE A 38 22.94 -8.55 22.19
N TYR A 39 22.56 -8.03 21.01
CA TYR A 39 23.13 -8.40 19.68
C TYR A 39 24.17 -7.33 19.29
N LYS A 40 25.23 -7.30 20.10
CA LYS A 40 26.30 -6.27 20.08
C LYS A 40 27.24 -6.51 18.89
N ARG A 41 27.39 -7.77 18.44
CA ARG A 41 28.39 -8.18 17.42
C ARG A 41 27.81 -8.06 16.01
N GLU A 42 26.62 -8.63 15.75
CA GLU A 42 26.06 -8.65 14.38
C GLU A 42 24.56 -8.44 14.49
N PRO A 43 24.13 -7.22 14.85
CA PRO A 43 22.71 -6.98 15.13
C PRO A 43 21.82 -7.21 13.91
N ARG A 44 22.39 -7.19 12.69
CA ARG A 44 21.62 -7.45 11.45
C ARG A 44 21.16 -8.92 11.33
N ILE A 45 21.68 -9.83 12.14
CA ILE A 45 21.28 -11.26 12.04
C ILE A 45 19.78 -11.40 12.40
N ILE A 46 19.25 -10.51 13.24
CA ILE A 46 17.82 -10.54 13.63
C ILE A 46 16.97 -10.23 12.41
N GLY A 47 17.15 -9.07 11.78
CA GLY A 47 16.46 -8.75 10.52
C GLY A 47 16.65 -9.84 9.49
N ASP A 48 17.84 -10.41 9.41
CA ASP A 48 18.11 -11.46 8.40
C ASP A 48 17.21 -12.67 8.67
N ARG A 49 17.10 -13.03 9.95
CA ARG A 49 16.20 -14.14 10.38
C ARG A 49 14.74 -13.76 10.13
N ASP A 50 14.31 -12.59 10.62
CA ASP A 50 12.85 -12.23 10.63
C ASP A 50 12.36 -11.87 9.22
N LEU A 51 13.15 -11.12 8.44
CA LEU A 51 12.68 -10.51 7.16
C LEU A 51 13.53 -10.88 5.97
N GLY A 52 14.78 -11.30 6.15
CA GLY A 52 15.75 -11.52 5.06
C GLY A 52 15.18 -12.38 3.95
N ALA A 53 14.48 -13.46 4.29
CA ALA A 53 13.93 -14.38 3.28
C ALA A 53 12.89 -13.62 2.43
N TYR A 54 12.06 -12.79 3.05
CA TYR A 54 11.04 -12.02 2.27
C TYR A 54 11.77 -11.06 1.33
N ILE A 55 12.76 -10.32 1.83
CA ILE A 55 13.41 -9.25 1.04
C ILE A 55 14.10 -9.92 -0.15
N TYR A 56 14.68 -11.09 0.11
CA TYR A 56 15.45 -11.87 -0.89
C TYR A 56 14.52 -12.50 -1.91
N LEU A 57 13.49 -13.22 -1.48
CA LEU A 57 12.65 -14.10 -2.35
C LEU A 57 11.42 -13.37 -2.88
N HIS A 58 10.77 -12.57 -2.03
CA HIS A 58 9.41 -12.06 -2.31
C HIS A 58 9.19 -10.69 -1.67
N PRO A 59 9.95 -9.65 -2.07
CA PRO A 59 9.78 -8.33 -1.46
C PRO A 59 8.36 -7.80 -1.66
N GLU A 60 7.66 -8.26 -2.70
CA GLU A 60 6.26 -7.84 -3.01
C GLU A 60 5.31 -8.35 -1.92
N TYR A 61 5.75 -9.29 -1.08
CA TYR A 61 4.91 -9.81 0.02
C TYR A 61 4.93 -8.86 1.22
N ILE A 62 5.86 -7.91 1.26
CA ILE A 62 6.15 -7.07 2.46
C ILE A 62 5.44 -5.73 2.31
N TYR A 63 4.63 -5.36 3.27
CA TYR A 63 4.00 -4.04 3.40
C TYR A 63 4.56 -3.36 4.65
N VAL A 64 4.86 -2.08 4.52
CA VAL A 64 5.46 -1.23 5.57
C VAL A 64 4.43 -0.21 6.02
N LEU A 65 4.30 -0.03 7.34
CA LEU A 65 3.36 0.95 7.91
C LEU A 65 4.15 2.21 8.27
N GLU A 66 3.71 3.36 7.77
CA GLU A 66 4.22 4.70 8.16
C GLU A 66 3.19 5.42 9.02
N ASP A 67 3.64 6.10 10.08
CA ASP A 67 2.74 6.95 10.91
C ASP A 67 2.56 8.31 10.28
N ASP A 68 1.91 9.23 11.01
CA ASP A 68 1.45 10.55 10.50
C ASP A 68 2.65 11.44 10.13
N ARG A 69 3.83 11.19 10.71
CA ARG A 69 5.08 11.92 10.42
C ARG A 69 6.12 11.00 9.76
N ASP A 70 5.68 10.05 8.94
CA ASP A 70 6.54 9.26 8.01
C ASP A 70 7.46 8.26 8.72
N LYS A 71 7.36 8.09 10.04
CA LYS A 71 8.15 7.04 10.74
C LYS A 71 7.61 5.66 10.37
N ILE A 72 8.49 4.75 9.95
CA ILE A 72 8.17 3.30 9.81
C ILE A 72 7.94 2.74 11.22
N CYS A 73 6.72 2.29 11.51
CA CYS A 73 6.32 1.82 12.86
C CYS A 73 5.77 0.39 12.78
N GLY A 74 5.92 -0.29 11.66
CA GLY A 74 5.53 -1.70 11.59
C GLY A 74 5.70 -2.27 10.22
N TYR A 75 5.56 -3.57 10.11
CA TYR A 75 5.51 -4.24 8.80
C TYR A 75 4.66 -5.50 8.92
N LEU A 76 4.09 -5.87 7.79
CA LEU A 76 3.42 -7.18 7.65
C LEU A 76 3.89 -7.80 6.34
N CYS A 77 3.86 -9.11 6.32
CA CYS A 77 4.06 -9.90 5.09
C CYS A 77 2.78 -10.68 4.90
N GLY A 78 2.29 -10.70 3.67
CA GLY A 78 1.24 -11.63 3.21
C GLY A 78 1.85 -12.58 2.20
N ALA A 79 2.25 -13.79 2.62
CA ALA A 79 2.75 -14.83 1.70
C ALA A 79 1.59 -15.65 1.12
N LEU A 80 1.20 -15.42 -0.14
CA LEU A 80 -0.01 -16.07 -0.72
C LEU A 80 0.09 -17.59 -0.65
N ASP A 81 1.23 -18.17 -0.96
CA ASP A 81 1.36 -19.64 -1.04
C ASP A 81 2.45 -20.07 -0.06
N SER A 82 2.10 -20.52 1.15
CA SER A 82 3.13 -20.84 2.18
C SER A 82 4.06 -21.93 1.68
N LYS A 83 3.47 -22.93 1.00
CA LYS A 83 4.21 -24.17 0.66
C LYS A 83 5.35 -23.83 -0.31
N GLN A 84 5.06 -23.05 -1.34
CA GLN A 84 6.08 -22.62 -2.31
C GLN A 84 7.09 -21.72 -1.57
N PHE A 85 6.61 -20.83 -0.70
CA PHE A 85 7.51 -19.88 -0.02
C PHE A 85 8.57 -20.68 0.74
N TYR A 86 8.17 -21.66 1.53
CA TYR A 86 9.16 -22.42 2.34
C TYR A 86 9.98 -23.38 1.46
N GLU A 87 9.47 -23.83 0.32
CA GLU A 87 10.33 -24.58 -0.64
C GLU A 87 11.46 -23.65 -1.09
N ARG A 88 11.12 -22.42 -1.47
CA ARG A 88 12.16 -21.42 -1.90
C ARG A 88 13.07 -21.07 -0.71
N TYR A 89 12.51 -20.90 0.49
CA TYR A 89 13.29 -20.58 1.71
C TYR A 89 14.46 -21.57 1.85
N GLU A 90 14.13 -22.86 1.73
CA GLU A 90 15.11 -23.98 1.86
C GLU A 90 16.06 -24.01 0.66
N SER A 91 15.54 -23.96 -0.56
CA SER A 91 16.28 -24.26 -1.80
C SER A 91 17.12 -23.06 -2.24
N GLU A 92 16.75 -21.82 -1.86
CA GLU A 92 17.43 -20.59 -2.33
C GLU A 92 17.93 -19.76 -1.15
N TRP A 93 17.12 -19.53 -0.13
CA TRP A 93 17.49 -18.49 0.86
C TRP A 93 18.56 -19.01 1.81
N LEU A 94 18.49 -20.27 2.21
CA LEU A 94 19.37 -20.80 3.28
C LEU A 94 20.81 -20.69 2.81
N THR A 95 21.11 -20.93 1.54
CA THR A 95 22.51 -20.76 1.06
C THR A 95 22.95 -19.31 1.24
N GLN A 96 22.09 -18.34 0.95
CA GLN A 96 22.43 -16.88 1.04
C GLN A 96 22.67 -16.49 2.51
N ILE A 97 21.78 -16.91 3.42
CA ILE A 97 21.84 -16.47 4.84
C ILE A 97 23.04 -17.16 5.50
N ARG A 98 23.40 -18.36 5.03
CA ARG A 98 24.59 -19.07 5.56
C ARG A 98 25.89 -18.42 5.05
N ASP A 99 25.86 -17.72 3.92
CA ASP A 99 27.01 -16.88 3.52
C ASP A 99 27.11 -15.65 4.44
N ARG A 100 25.99 -15.04 4.85
CA ARG A 100 26.00 -13.83 5.72
C ARG A 100 26.44 -14.22 7.14
N HIS A 101 26.15 -15.46 7.60
CA HIS A 101 26.36 -15.80 9.03
C HIS A 101 27.07 -17.13 9.14
N PRO A 102 28.29 -17.18 9.72
CA PRO A 102 29.02 -18.43 9.81
C PRO A 102 28.37 -19.43 10.78
N GLN A 103 28.65 -20.69 10.53
CA GLN A 103 28.30 -21.79 11.47
C GLN A 103 29.11 -21.65 12.75
N PRO A 104 28.46 -21.61 13.92
CA PRO A 104 29.16 -21.54 15.21
C PRO A 104 30.10 -22.75 15.45
N GLU A 105 31.11 -22.58 16.30
CA GLU A 105 31.97 -23.71 16.78
C GLU A 105 31.09 -24.61 17.66
N ASN A 106 31.60 -25.77 18.09
CA ASN A 106 30.78 -26.87 18.65
C ASN A 106 30.62 -26.73 20.18
N ASP A 107 30.92 -25.56 20.76
CA ASP A 107 30.87 -25.32 22.23
C ASP A 107 29.63 -24.47 22.58
N ILE A 108 28.48 -25.12 22.75
CA ILE A 108 27.16 -24.42 22.93
C ILE A 108 27.26 -23.45 24.12
N ALA A 109 27.97 -23.85 25.18
CA ALA A 109 28.16 -23.05 26.43
C ALA A 109 28.69 -21.66 26.09
N SER A 110 29.55 -21.53 25.09
CA SER A 110 30.33 -20.28 24.82
CA SER A 110 30.33 -20.28 24.82
C SER A 110 29.65 -19.44 23.73
N TRP A 111 28.56 -19.92 23.16
CA TRP A 111 27.85 -19.25 22.05
C TRP A 111 27.41 -17.84 22.45
N THR A 112 27.64 -16.85 21.57
CA THR A 112 27.07 -15.49 21.66
C THR A 112 25.59 -15.57 21.30
N PRO A 113 24.80 -14.50 21.58
CA PRO A 113 23.41 -14.47 21.14
C PRO A 113 23.32 -14.64 19.61
N GLU A 114 24.27 -14.01 18.89
CA GLU A 114 24.36 -14.11 17.41
C GLU A 114 24.49 -15.59 17.01
N GLU A 115 25.37 -16.33 17.68
CA GLU A 115 25.68 -17.74 17.31
C GLU A 115 24.46 -18.61 17.56
N ILE A 116 23.72 -18.34 18.64
CA ILE A 116 22.49 -19.10 18.96
C ILE A 116 21.53 -18.97 17.76
N VAL A 117 21.40 -17.76 17.21
CA VAL A 117 20.52 -17.50 16.04
C VAL A 117 21.13 -18.16 14.81
N ALA A 118 22.46 -18.01 14.62
CA ALA A 118 23.17 -18.52 13.42
C ALA A 118 22.99 -20.04 13.35
N ASN A 119 23.02 -20.71 14.51
CA ASN A 119 22.81 -22.18 14.58
C ASN A 119 21.50 -22.58 13.91
N SER A 120 20.42 -21.81 14.10
CA SER A 120 19.08 -22.13 13.56
C SER A 120 19.17 -22.20 12.03
N PHE A 121 20.03 -21.37 11.43
CA PHE A 121 20.16 -21.29 9.96
C PHE A 121 20.75 -22.59 9.41
N TYR A 122 21.54 -23.31 10.21
CA TYR A 122 22.28 -24.54 9.80
C TYR A 122 21.47 -25.79 10.20
N ASN A 123 20.34 -25.60 10.87
CA ASN A 123 19.52 -26.71 11.44
C ASN A 123 18.05 -26.39 11.18
N PHE A 124 17.71 -26.03 9.94
CA PHE A 124 16.38 -25.48 9.60
C PHE A 124 15.38 -26.61 9.36
N THR A 125 14.13 -26.42 9.84
CA THR A 125 12.95 -27.29 9.58
C THR A 125 11.79 -26.35 9.26
N PRO A 126 11.01 -26.55 8.16
CA PRO A 126 9.97 -25.60 7.82
C PRO A 126 8.81 -25.75 8.80
N PRO A 127 7.95 -24.72 8.97
CA PRO A 127 6.78 -24.83 9.83
C PRO A 127 5.93 -26.01 9.35
N THR A 128 5.01 -26.50 10.18
CA THR A 128 4.00 -27.52 9.78
C THR A 128 3.28 -27.07 8.51
N ASP A 129 3.15 -27.93 7.51
CA ASP A 129 2.38 -27.68 6.27
C ASP A 129 0.88 -27.76 6.59
N VAL A 130 0.19 -26.62 6.63
CA VAL A 130 -1.27 -26.57 6.96
C VAL A 130 -2.11 -26.07 5.77
N SER A 131 -1.60 -26.20 4.55
CA SER A 131 -2.36 -25.91 3.30
C SER A 131 -3.68 -26.71 3.15
N VAL A 132 -3.90 -27.80 3.89
CA VAL A 132 -5.23 -28.47 3.75
C VAL A 132 -6.31 -27.51 4.30
N LEU A 133 -5.89 -26.53 5.13
CA LEU A 133 -6.81 -25.57 5.74
C LEU A 133 -6.42 -24.13 5.37
N TYR A 134 -5.13 -23.82 5.24
CA TYR A 134 -4.65 -22.41 5.22
C TYR A 134 -3.53 -22.25 4.18
N LEU A 135 -3.83 -21.59 3.06
CA LEU A 135 -2.95 -21.56 1.86
C LEU A 135 -1.75 -20.66 2.12
N SER A 136 -1.99 -19.57 2.86
CA SER A 136 -1.12 -18.38 2.98
C SER A 136 -0.55 -18.31 4.39
N HIS A 137 0.44 -17.45 4.59
CA HIS A 137 0.89 -17.11 5.95
C HIS A 137 1.22 -15.62 6.04
N LEU A 138 1.31 -15.16 7.28
CA LEU A 138 1.58 -13.76 7.61
C LEU A 138 2.88 -13.65 8.39
N GLU A 139 3.41 -12.42 8.40
CA GLU A 139 4.33 -11.89 9.43
C GLU A 139 3.73 -10.54 9.85
N ALA A 140 3.96 -10.12 11.10
CA ALA A 140 3.48 -8.82 11.59
C ALA A 140 4.34 -8.39 12.76
N ARG A 141 4.81 -7.16 12.73
CA ARG A 141 5.58 -6.57 13.83
C ARG A 141 5.22 -5.09 13.88
N PHE A 142 4.86 -4.58 15.06
CA PHE A 142 4.45 -3.17 15.30
C PHE A 142 5.23 -2.64 16.48
N ASP A 143 5.75 -1.41 16.37
CA ASP A 143 6.30 -0.76 17.57
C ASP A 143 5.14 -0.39 18.50
N SER A 144 5.47 -0.01 19.74
CA SER A 144 4.55 0.40 20.84
C SER A 144 3.58 1.50 20.42
N SER A 145 4.00 2.36 19.53
CA SER A 145 3.27 3.60 19.19
C SER A 145 1.97 3.25 18.43
N VAL A 146 1.88 2.09 17.77
CA VAL A 146 0.78 1.83 16.80
C VAL A 146 -0.54 1.55 17.55
N PRO A 147 -1.60 2.34 17.32
CA PRO A 147 -2.90 2.06 17.93
C PRO A 147 -3.39 0.66 17.54
N GLU A 148 -3.98 -0.07 18.48
CA GLU A 148 -4.56 -1.39 18.19
C GLU A 148 -5.59 -1.32 17.04
N LYS A 149 -6.38 -0.26 16.95
CA LYS A 149 -7.40 -0.13 15.88
C LYS A 149 -6.71 -0.06 14.52
N VAL A 150 -5.51 0.51 14.49
CA VAL A 150 -4.75 0.57 13.23
C VAL A 150 -4.20 -0.82 12.91
N ILE A 151 -3.58 -1.48 13.89
CA ILE A 151 -3.09 -2.88 13.79
C ILE A 151 -4.19 -3.72 13.18
N LYS A 152 -5.42 -3.64 13.71
CA LYS A 152 -6.49 -4.53 13.21
C LYS A 152 -6.83 -4.21 11.76
N ARG A 153 -6.90 -2.93 11.42
CA ARG A 153 -7.27 -2.48 10.07
C ARG A 153 -6.21 -2.98 9.10
N ILE A 154 -4.94 -2.89 9.51
CA ILE A 154 -3.80 -3.26 8.63
C ILE A 154 -3.74 -4.77 8.44
N ILE A 155 -3.98 -5.54 9.50
CA ILE A 155 -4.09 -7.01 9.35
C ILE A 155 -5.20 -7.34 8.35
N ARG A 156 -6.36 -6.72 8.49
CA ARG A 156 -7.52 -7.01 7.64
C ARG A 156 -7.16 -6.70 6.20
N PHE A 157 -6.42 -5.61 5.95
CA PHE A 157 -5.98 -5.24 4.58
C PHE A 157 -5.21 -6.41 3.96
N ILE A 158 -4.25 -6.98 4.70
CA ILE A 158 -3.39 -8.07 4.18
C ILE A 158 -4.28 -9.29 3.94
N LEU A 159 -5.20 -9.57 4.86
CA LEU A 159 -6.09 -10.73 4.69
C LEU A 159 -6.97 -10.51 3.44
N GLU A 160 -7.50 -9.31 3.23
CA GLU A 160 -8.40 -9.00 2.07
C GLU A 160 -7.61 -9.18 0.77
N GLN A 161 -6.34 -8.75 0.76
CA GLN A 161 -5.42 -8.88 -0.40
C GLN A 161 -5.19 -10.36 -0.71
N LEU A 162 -4.93 -11.16 0.32
CA LEU A 162 -4.72 -12.61 0.13
C LEU A 162 -5.99 -13.27 -0.40
N LYS A 163 -7.15 -12.97 0.19
CA LYS A 163 -8.47 -13.51 -0.25
C LYS A 163 -8.63 -13.23 -1.74
N ALA A 164 -8.43 -11.98 -2.15
CA ALA A 164 -8.64 -11.49 -3.54
C ALA A 164 -7.79 -12.33 -4.50
N LYS A 165 -6.60 -12.76 -4.07
CA LYS A 165 -5.63 -13.55 -4.87
C LYS A 165 -5.93 -15.05 -4.78
N GLY A 166 -7.01 -15.45 -4.12
CA GLY A 166 -7.55 -16.82 -4.10
C GLY A 166 -7.29 -17.54 -2.78
N SER A 167 -6.69 -16.88 -1.79
CA SER A 167 -6.41 -17.55 -0.49
C SER A 167 -7.70 -17.96 0.21
N TYR A 168 -7.72 -19.17 0.77
CA TYR A 168 -8.82 -19.72 1.58
C TYR A 168 -8.41 -19.68 3.06
N GLY A 169 -7.23 -19.17 3.39
CA GLY A 169 -6.85 -19.12 4.81
C GLY A 169 -5.41 -18.71 4.98
N ALA A 170 -5.11 -18.18 6.16
CA ALA A 170 -3.76 -17.70 6.48
C ALA A 170 -3.37 -18.23 7.86
N SER A 171 -2.14 -18.73 7.95
CA SER A 171 -1.47 -19.12 9.21
C SER A 171 -0.45 -18.05 9.58
N MET A 172 0.11 -18.17 10.77
CA MET A 172 1.18 -17.28 11.21
C MET A 172 1.86 -17.88 12.44
N LEU A 173 3.17 -17.76 12.46
CA LEU A 173 3.92 -18.09 13.69
C LEU A 173 4.11 -16.81 14.47
N ILE A 174 3.69 -16.83 15.72
CA ILE A 174 3.84 -15.66 16.60
C ILE A 174 4.64 -16.11 17.80
N ASP A 175 5.55 -15.26 18.30
CA ASP A 175 6.32 -15.58 19.53
C ASP A 175 5.32 -15.75 20.66
N SER A 176 5.42 -16.84 21.42
CA SER A 176 4.43 -17.18 22.47
C SER A 176 4.39 -16.09 23.53
N TRP A 177 5.53 -15.41 23.78
CA TRP A 177 5.63 -14.35 24.81
C TRP A 177 4.91 -13.04 24.40
N ARG A 178 4.52 -12.89 23.14
CA ARG A 178 3.90 -11.64 22.63
C ARG A 178 2.41 -11.67 22.95
N THR A 179 2.09 -11.64 24.23
CA THR A 179 0.71 -11.80 24.78
C THR A 179 -0.22 -10.78 24.11
N ASN A 180 0.25 -9.56 23.98
CA ASN A 180 -0.56 -8.42 23.50
C ASN A 180 -0.97 -8.67 22.04
N LEU A 181 0.00 -8.93 21.18
CA LEU A 181 -0.27 -9.18 19.76
C LEU A 181 -1.10 -10.46 19.61
N ARG A 182 -0.87 -11.46 20.46
CA ARG A 182 -1.65 -12.73 20.37
C ARG A 182 -3.11 -12.40 20.68
N ARG A 183 -3.36 -11.57 21.68
CA ARG A 183 -4.73 -11.14 22.07
C ARG A 183 -5.38 -10.44 20.89
N ILE A 184 -4.67 -9.53 20.22
CA ILE A 184 -5.22 -8.81 19.04
C ILE A 184 -5.65 -9.83 17.98
N PHE A 185 -4.75 -10.71 17.55
CA PHE A 185 -5.06 -11.74 16.53
C PHE A 185 -6.24 -12.61 17.01
N THR A 186 -6.22 -13.03 18.27
CA THR A 186 -7.34 -13.87 18.77
C THR A 186 -8.65 -13.07 18.63
N SER A 187 -8.61 -11.76 18.95
CA SER A 187 -9.82 -10.90 18.95
C SER A 187 -10.35 -10.74 17.52
N MET A 188 -9.55 -11.06 16.51
CA MET A 188 -9.90 -10.94 15.08
C MET A 188 -10.41 -12.27 14.55
N GLY A 189 -10.37 -13.31 15.38
CA GLY A 189 -10.93 -14.64 15.04
C GLY A 189 -9.85 -15.64 14.70
N PHE A 190 -8.57 -15.33 14.93
CA PHE A 190 -7.52 -16.34 14.73
C PHE A 190 -7.62 -17.35 15.87
N VAL A 191 -7.36 -18.60 15.56
CA VAL A 191 -7.23 -19.68 16.58
C VAL A 191 -5.82 -20.23 16.63
N ASP A 192 -5.46 -20.71 17.83
CA ASP A 192 -4.16 -21.33 18.08
C ASP A 192 -4.25 -22.77 17.59
N LEU A 193 -3.36 -23.18 16.71
CA LEU A 193 -3.34 -24.59 16.22
C LEU A 193 -2.33 -25.38 17.01
N GLN A 194 -1.15 -24.81 17.28
CA GLN A 194 0.05 -25.53 17.79
C GLN A 194 0.90 -24.52 18.55
N GLU A 195 1.64 -24.99 19.56
CA GLU A 195 2.88 -24.33 20.07
C GLU A 195 4.05 -25.27 19.79
N TYR A 196 5.12 -24.78 19.15
CA TYR A 196 6.35 -25.53 18.84
C TYR A 196 7.51 -24.58 18.54
N SER A 197 8.70 -24.93 19.02
CA SER A 197 9.98 -24.27 18.72
C SER A 197 10.18 -24.23 17.20
N TRP A 198 10.51 -23.07 16.66
CA TRP A 198 10.79 -22.90 15.21
C TRP A 198 11.94 -21.91 15.05
N MET A 199 13.07 -22.40 14.55
CA MET A 199 14.39 -21.74 14.60
C MET A 199 14.62 -21.16 16.02
N SER A 200 14.69 -22.07 17.01
CA SER A 200 15.16 -21.90 18.41
C SER A 200 14.30 -20.91 19.21
N GLU A 201 13.09 -20.62 18.75
CA GLU A 201 12.20 -19.63 19.42
C GLU A 201 10.83 -20.24 19.63
N GLN A 202 10.24 -20.07 20.82
CA GLN A 202 8.94 -20.68 21.18
C GLN A 202 7.85 -19.88 20.46
N LYS A 203 7.07 -20.56 19.66
CA LYS A 203 6.07 -19.95 18.76
C LYS A 203 4.73 -20.60 19.04
N CYS A 204 3.69 -19.84 18.78
CA CYS A 204 2.32 -20.35 18.57
CA CYS A 204 2.33 -20.34 18.58
C CYS A 204 2.02 -20.27 17.08
N MET A 205 1.55 -21.35 16.49
CA MET A 205 1.02 -21.27 15.11
C MET A 205 -0.47 -20.97 15.19
N ILE A 206 -0.89 -19.83 14.63
CA ILE A 206 -2.30 -19.36 14.68
C ILE A 206 -2.80 -19.32 13.25
N ALA A 207 -4.12 -19.29 13.04
CA ALA A 207 -4.69 -19.38 11.69
C ALA A 207 -6.10 -18.85 11.64
N ILE A 208 -6.47 -18.33 10.49
CA ILE A 208 -7.87 -17.91 10.19
C ILE A 208 -8.24 -18.40 8.80
N LYS A 209 -9.50 -18.80 8.60
CA LYS A 209 -10.02 -19.10 7.24
C LYS A 209 -10.32 -17.78 6.53
N LEU A 210 -10.29 -17.80 5.21
CA LEU A 210 -10.67 -16.66 4.37
C LEU A 210 -11.80 -17.12 3.43
N SER B 5 -7.23 9.72 18.99
CA SER B 5 -7.18 10.41 17.68
C SER B 5 -7.82 9.54 16.60
N ASP B 6 -8.52 10.19 15.68
CA ASP B 6 -9.03 9.58 14.43
C ASP B 6 -7.82 9.06 13.66
N ALA B 7 -7.85 7.80 13.24
CA ALA B 7 -6.81 7.20 12.40
C ALA B 7 -7.35 7.11 10.99
N TYR B 8 -6.77 7.89 10.09
CA TYR B 8 -6.95 7.68 8.64
C TYR B 8 -5.93 6.66 8.13
N VAL B 9 -6.36 5.86 7.18
CA VAL B 9 -5.45 4.87 6.53
C VAL B 9 -5.37 5.18 5.05
N ILE B 10 -4.15 5.24 4.55
CA ILE B 10 -3.81 5.31 3.12
C ILE B 10 -3.28 3.95 2.71
N ARG B 11 -3.90 3.30 1.73
CA ARG B 11 -3.54 1.91 1.39
C ARG B 11 -3.67 1.75 -0.11
N PRO B 12 -3.02 0.72 -0.70
CA PRO B 12 -3.18 0.46 -2.11
C PRO B 12 -4.63 0.13 -2.47
N PHE B 13 -4.99 0.51 -3.68
CA PHE B 13 -6.24 0.09 -4.33
C PHE B 13 -6.30 -1.44 -4.37
N MET B 14 -7.50 -1.94 -4.08
CA MET B 14 -7.90 -3.32 -4.39
C MET B 14 -9.05 -3.28 -5.39
N PRO B 15 -9.14 -4.27 -6.30
CA PRO B 15 -10.24 -4.30 -7.27
C PRO B 15 -11.63 -4.08 -6.70
N SER B 16 -11.89 -4.59 -5.49
CA SER B 16 -13.20 -4.47 -4.81
C SER B 16 -13.50 -2.99 -4.48
N ASP B 17 -12.51 -2.10 -4.54
CA ASP B 17 -12.74 -0.66 -4.26
C ASP B 17 -13.47 0.04 -5.41
N GLU B 18 -13.52 -0.55 -6.59
CA GLU B 18 -13.89 0.18 -7.84
C GLU B 18 -15.24 0.87 -7.66
N GLU B 19 -16.27 0.17 -7.23
CA GLU B 19 -17.64 0.71 -7.21
C GLU B 19 -17.70 1.91 -6.25
N THR B 20 -17.09 1.78 -5.08
CA THR B 20 -17.02 2.87 -4.06
C THR B 20 -16.27 4.07 -4.65
N LEU B 21 -15.12 3.84 -5.26
CA LEU B 21 -14.33 4.94 -5.86
C LEU B 21 -15.12 5.60 -7.01
N TYR B 22 -15.81 4.86 -7.89
CA TYR B 22 -16.63 5.47 -8.96
C TYR B 22 -17.71 6.36 -8.33
N ASP B 23 -18.24 5.95 -7.20
CA ASP B 23 -19.31 6.72 -6.52
C ASP B 23 -18.71 8.00 -5.96
N LEU B 24 -17.52 7.90 -5.36
CA LEU B 24 -16.86 9.10 -4.80
C LEU B 24 -16.54 10.06 -5.94
N CYS B 25 -16.00 9.52 -7.03
CA CYS B 25 -15.60 10.30 -8.23
C CYS B 25 -16.84 11.04 -8.75
N LEU B 26 -17.98 10.36 -8.82
CA LEU B 26 -19.30 10.93 -9.24
C LEU B 26 -19.72 12.05 -8.28
N LYS B 27 -19.65 11.81 -6.97
CA LYS B 27 -20.07 12.78 -5.92
C LYS B 27 -19.19 14.01 -5.99
N SER B 28 -17.88 13.82 -6.14
CA SER B 28 -16.84 14.89 -6.11
C SER B 28 -17.01 15.83 -7.31
N CYS B 29 -17.59 15.39 -8.43
CA CYS B 29 -17.53 16.23 -9.65
C CYS B 29 -18.55 17.37 -9.50
N GLY B 35 -23.77 15.69 -7.08
CA GLY B 35 -22.97 15.02 -8.13
C GLY B 35 -23.66 13.77 -8.63
N ASP B 36 -24.03 12.90 -7.69
CA ASP B 36 -24.92 11.73 -7.91
C ASP B 36 -26.36 12.20 -8.15
N GLU B 37 -26.67 13.48 -7.90
CA GLU B 37 -27.99 14.06 -8.20
C GLU B 37 -28.04 14.54 -9.66
N ILE B 38 -26.89 14.87 -10.25
CA ILE B 38 -26.76 15.44 -11.63
C ILE B 38 -26.84 14.30 -12.66
N TYR B 39 -26.07 13.22 -12.43
CA TYR B 39 -25.91 12.07 -13.35
C TYR B 39 -26.67 10.85 -12.82
N LYS B 40 -27.96 10.81 -13.14
CA LYS B 40 -28.96 9.83 -12.64
C LYS B 40 -29.21 8.74 -13.67
N ARG B 41 -28.82 8.97 -14.93
CA ARG B 41 -29.01 8.01 -16.06
C ARG B 41 -27.79 7.08 -16.16
N GLU B 42 -26.58 7.62 -16.17
CA GLU B 42 -25.34 6.82 -16.34
C GLU B 42 -24.32 7.31 -15.31
N PRO B 43 -24.53 7.05 -14.01
CA PRO B 43 -23.62 7.56 -12.98
C PRO B 43 -22.16 7.16 -13.25
N ARG B 44 -21.94 6.00 -13.89
CA ARG B 44 -20.61 5.42 -14.16
C ARG B 44 -19.81 6.31 -15.15
N ILE B 45 -20.44 7.21 -15.87
CA ILE B 45 -19.73 7.97 -16.95
C ILE B 45 -18.62 8.84 -16.35
N ILE B 46 -18.79 9.36 -15.12
CA ILE B 46 -17.81 10.28 -14.48
C ILE B 46 -16.56 9.47 -14.13
N GLY B 47 -16.73 8.38 -13.41
CA GLY B 47 -15.60 7.45 -13.14
C GLY B 47 -14.93 6.97 -14.43
N ASP B 48 -15.71 6.62 -15.45
CA ASP B 48 -15.16 6.19 -16.76
C ASP B 48 -14.26 7.29 -17.31
N ARG B 49 -14.67 8.54 -17.19
CA ARG B 49 -13.85 9.66 -17.72
C ARG B 49 -12.57 9.80 -16.86
N ASP B 50 -12.70 9.80 -15.54
CA ASP B 50 -11.71 10.40 -14.61
C ASP B 50 -10.89 9.35 -13.85
N LEU B 51 -11.41 8.13 -13.66
CA LEU B 51 -10.76 7.14 -12.75
C LEU B 51 -10.46 5.82 -13.46
N GLY B 52 -11.37 5.35 -14.32
CA GLY B 52 -11.24 4.03 -14.96
C GLY B 52 -9.91 3.82 -15.64
N ALA B 53 -9.33 4.86 -16.24
CA ALA B 53 -8.07 4.69 -17.01
C ALA B 53 -6.98 4.24 -16.06
N TYR B 54 -6.95 4.79 -14.84
CA TYR B 54 -5.93 4.43 -13.83
C TYR B 54 -6.11 2.98 -13.41
N ILE B 55 -7.35 2.59 -13.15
CA ILE B 55 -7.70 1.21 -12.74
C ILE B 55 -7.24 0.24 -13.84
N TYR B 56 -7.45 0.62 -15.11
CA TYR B 56 -7.19 -0.25 -16.28
C TYR B 56 -5.69 -0.30 -16.54
N LEU B 57 -5.02 0.85 -16.61
CA LEU B 57 -3.61 0.94 -17.07
C LEU B 57 -2.63 0.70 -15.93
N HIS B 58 -2.82 1.36 -14.77
CA HIS B 58 -1.85 1.42 -13.64
C HIS B 58 -2.57 1.36 -12.28
N PRO B 59 -3.27 0.26 -11.95
CA PRO B 59 -3.98 0.20 -10.67
C PRO B 59 -3.02 0.31 -9.48
N GLU B 60 -1.74 -0.03 -9.68
CA GLU B 60 -0.73 0.05 -8.59
C GLU B 60 -0.39 1.52 -8.31
N TYR B 61 -0.82 2.45 -9.15
CA TYR B 61 -0.68 3.93 -8.98
C TYR B 61 -1.71 4.42 -7.94
N ILE B 62 -2.74 3.63 -7.61
CA ILE B 62 -3.94 4.17 -6.92
C ILE B 62 -3.81 3.90 -5.43
N TYR B 63 -3.89 4.95 -4.63
CA TYR B 63 -3.99 4.79 -3.17
C TYR B 63 -5.35 5.29 -2.75
N VAL B 64 -5.91 4.58 -1.80
CA VAL B 64 -7.27 4.85 -1.30
C VAL B 64 -7.12 5.40 0.11
N LEU B 65 -7.95 6.37 0.47
CA LEU B 65 -7.98 7.02 1.79
C LEU B 65 -9.24 6.58 2.52
N GLU B 66 -9.08 6.05 3.74
CA GLU B 66 -10.17 5.63 4.64
C GLU B 66 -10.11 6.48 5.90
N ASP B 67 -11.29 6.79 6.43
CA ASP B 67 -11.40 7.63 7.62
C ASP B 67 -11.36 6.70 8.83
N ASP B 68 -11.60 7.26 10.00
CA ASP B 68 -11.51 6.56 11.29
C ASP B 68 -12.59 5.48 11.37
N ARG B 69 -13.68 5.59 10.60
CA ARG B 69 -14.76 4.58 10.59
C ARG B 69 -14.58 3.65 9.41
N ASP B 70 -13.39 3.58 8.82
CA ASP B 70 -13.04 2.60 7.76
C ASP B 70 -13.84 2.89 6.48
N LYS B 71 -14.37 4.10 6.32
CA LYS B 71 -15.10 4.53 5.10
C LYS B 71 -14.10 5.17 4.15
N ILE B 72 -14.17 4.80 2.87
CA ILE B 72 -13.39 5.41 1.75
C ILE B 72 -13.84 6.87 1.62
N CYS B 73 -12.91 7.81 1.73
CA CYS B 73 -13.24 9.26 1.67
C CYS B 73 -12.30 9.99 0.70
N GLY B 74 -11.49 9.24 -0.02
CA GLY B 74 -10.66 9.86 -1.06
C GLY B 74 -9.80 8.85 -1.78
N TYR B 75 -9.24 9.31 -2.88
CA TYR B 75 -8.16 8.56 -3.56
C TYR B 75 -7.16 9.53 -4.18
N LEU B 76 -6.00 8.97 -4.50
CA LEU B 76 -4.90 9.72 -5.14
C LEU B 76 -4.24 8.70 -6.06
N CYS B 77 -4.03 9.07 -7.32
CA CYS B 77 -3.24 8.27 -8.28
C CYS B 77 -1.90 9.00 -8.44
N GLY B 78 -0.79 8.30 -8.18
CA GLY B 78 0.57 8.77 -8.56
C GLY B 78 1.00 8.07 -9.83
N ALA B 79 0.89 8.76 -10.97
CA ALA B 79 1.18 8.24 -12.32
C ALA B 79 2.65 8.51 -12.68
N LEU B 80 3.52 7.52 -12.49
CA LEU B 80 4.99 7.69 -12.73
C LEU B 80 5.31 8.29 -14.12
N ASP B 81 4.71 7.77 -15.18
CA ASP B 81 5.03 8.18 -16.56
C ASP B 81 3.80 8.84 -17.20
N SER B 82 3.73 10.17 -17.11
CA SER B 82 2.64 11.00 -17.67
C SER B 82 2.49 10.78 -19.16
N LYS B 83 3.61 10.83 -19.88
CA LYS B 83 3.61 10.82 -21.36
C LYS B 83 2.90 9.53 -21.82
N GLN B 84 3.37 8.41 -21.31
CA GLN B 84 2.81 7.08 -21.60
C GLN B 84 1.36 7.01 -21.13
N PHE B 85 1.04 7.58 -19.97
CA PHE B 85 -0.36 7.52 -19.45
C PHE B 85 -1.29 8.20 -20.44
N TYR B 86 -1.03 9.44 -20.84
CA TYR B 86 -1.97 10.19 -21.72
C TYR B 86 -2.00 9.58 -23.12
N GLU B 87 -0.86 9.05 -23.60
CA GLU B 87 -0.84 8.32 -24.89
C GLU B 87 -1.84 7.16 -24.84
N ARG B 88 -1.77 6.34 -23.79
CA ARG B 88 -2.56 5.10 -23.71
C ARG B 88 -4.00 5.43 -23.33
N TYR B 89 -4.20 6.51 -22.58
CA TYR B 89 -5.55 7.04 -22.29
C TYR B 89 -6.30 7.19 -23.62
N GLU B 90 -5.65 7.83 -24.60
CA GLU B 90 -6.28 8.18 -25.89
C GLU B 90 -6.44 6.93 -26.74
N SER B 91 -5.41 6.08 -26.78
CA SER B 91 -5.29 4.94 -27.72
C SER B 91 -5.98 3.69 -27.16
N GLU B 92 -6.10 3.54 -25.82
CA GLU B 92 -6.66 2.30 -25.26
C GLU B 92 -7.94 2.56 -24.49
N TRP B 93 -7.97 3.55 -23.62
CA TRP B 93 -9.13 3.72 -22.70
C TRP B 93 -10.28 4.44 -23.41
N LEU B 94 -10.00 5.55 -24.08
CA LEU B 94 -11.03 6.40 -24.72
C LEU B 94 -11.79 5.54 -25.75
N THR B 95 -11.11 4.65 -26.47
CA THR B 95 -11.77 3.71 -27.42
C THR B 95 -12.83 2.90 -26.65
N GLN B 96 -12.49 2.41 -25.44
CA GLN B 96 -13.40 1.58 -24.64
C GLN B 96 -14.58 2.40 -24.15
N ILE B 97 -14.35 3.59 -23.60
CA ILE B 97 -15.47 4.34 -22.97
C ILE B 97 -16.33 4.92 -24.09
N ARG B 98 -15.76 5.15 -25.28
CA ARG B 98 -16.58 5.61 -26.42
C ARG B 98 -17.56 4.49 -26.82
N ASP B 99 -17.08 3.26 -26.82
CA ASP B 99 -17.90 2.08 -27.22
C ASP B 99 -19.02 1.91 -26.19
N ARG B 100 -18.80 2.30 -24.94
CA ARG B 100 -19.80 2.20 -23.86
C ARG B 100 -20.76 3.41 -23.87
N HIS B 101 -20.28 4.62 -24.27
CA HIS B 101 -21.03 5.89 -24.16
C HIS B 101 -21.18 6.49 -25.56
N PRO B 102 -22.33 6.26 -26.23
CA PRO B 102 -22.47 6.66 -27.64
C PRO B 102 -22.45 8.20 -27.79
N GLN B 103 -21.96 8.65 -28.94
CA GLN B 103 -22.04 10.07 -29.39
C GLN B 103 -23.51 10.48 -29.48
N PRO B 104 -23.92 11.52 -28.72
CA PRO B 104 -25.30 11.99 -28.79
C PRO B 104 -25.58 12.77 -30.08
N GLU B 105 -26.86 12.94 -30.42
CA GLU B 105 -27.30 13.68 -31.65
C GLU B 105 -26.74 15.11 -31.61
N ASN B 106 -26.73 15.79 -32.75
CA ASN B 106 -26.04 17.09 -32.92
C ASN B 106 -26.85 18.21 -32.24
N ASP B 107 -28.01 17.92 -31.65
CA ASP B 107 -28.87 18.94 -30.97
C ASP B 107 -28.38 19.18 -29.55
N ILE B 108 -27.49 20.16 -29.35
CA ILE B 108 -26.82 20.40 -28.04
C ILE B 108 -27.90 20.73 -26.98
N ALA B 109 -29.02 21.34 -27.38
CA ALA B 109 -30.16 21.69 -26.50
C ALA B 109 -30.66 20.42 -25.79
N SER B 110 -30.99 19.38 -26.55
CA SER B 110 -31.56 18.13 -26.02
C SER B 110 -30.72 17.64 -24.81
N TRP B 111 -29.39 17.73 -24.90
CA TRP B 111 -28.41 16.92 -24.12
C TRP B 111 -28.65 16.91 -22.60
N THR B 112 -28.76 15.69 -22.06
CA THR B 112 -28.63 15.40 -20.61
C THR B 112 -27.20 15.70 -20.16
N PRO B 113 -26.95 15.75 -18.83
CA PRO B 113 -25.59 15.91 -18.35
C PRO B 113 -24.73 14.73 -18.84
N GLU B 114 -25.30 13.52 -18.94
CA GLU B 114 -24.54 12.33 -19.38
C GLU B 114 -24.11 12.54 -20.84
N GLU B 115 -25.02 13.12 -21.63
CA GLU B 115 -24.80 13.33 -23.09
C GLU B 115 -23.76 14.41 -23.31
N ILE B 116 -23.66 15.45 -22.46
CA ILE B 116 -22.58 16.46 -22.52
C ILE B 116 -21.23 15.73 -22.39
N VAL B 117 -21.11 14.88 -21.37
CA VAL B 117 -19.84 14.17 -21.08
C VAL B 117 -19.59 13.15 -22.21
N ALA B 118 -20.59 12.40 -22.65
CA ALA B 118 -20.39 11.41 -23.74
C ALA B 118 -19.87 12.14 -24.98
N ASN B 119 -20.49 13.27 -25.32
CA ASN B 119 -20.05 14.03 -26.51
C ASN B 119 -18.59 14.44 -26.36
N SER B 120 -18.15 14.77 -25.14
CA SER B 120 -16.79 15.26 -24.81
C SER B 120 -15.76 14.17 -25.13
N PHE B 121 -16.12 12.88 -25.05
CA PHE B 121 -15.20 11.75 -25.38
C PHE B 121 -14.81 11.74 -26.87
N TYR B 122 -15.59 12.39 -27.72
CA TYR B 122 -15.40 12.41 -29.19
C TYR B 122 -14.67 13.68 -29.58
N ASN B 123 -14.26 14.46 -28.60
CA ASN B 123 -13.63 15.79 -28.82
C ASN B 123 -12.49 15.95 -27.83
N PHE B 124 -11.62 14.94 -27.76
CA PHE B 124 -10.49 14.85 -26.81
C PHE B 124 -9.26 15.54 -27.39
N THR B 125 -8.65 16.43 -26.61
CA THR B 125 -7.26 16.88 -26.85
C THR B 125 -6.48 16.66 -25.55
N PRO B 126 -5.33 15.97 -25.59
CA PRO B 126 -4.54 15.69 -24.40
C PRO B 126 -3.86 16.95 -23.90
N PRO B 127 -3.46 16.99 -22.63
CA PRO B 127 -2.82 18.18 -22.07
C PRO B 127 -1.42 18.27 -22.67
N THR B 128 -0.79 19.43 -22.57
CA THR B 128 0.60 19.63 -23.00
C THR B 128 1.50 18.61 -22.30
N ASP B 129 2.32 17.92 -23.09
CA ASP B 129 3.42 17.05 -22.62
C ASP B 129 4.47 17.94 -21.93
N VAL B 130 4.54 17.88 -20.60
CA VAL B 130 5.62 18.57 -19.83
C VAL B 130 6.55 17.48 -19.27
N SER B 131 6.48 16.25 -19.80
CA SER B 131 7.08 15.01 -19.23
C SER B 131 8.60 15.17 -19.12
N VAL B 132 9.23 16.01 -19.94
CA VAL B 132 10.72 16.14 -19.87
C VAL B 132 11.07 16.98 -18.62
N LEU B 133 10.12 17.73 -18.06
CA LEU B 133 10.30 18.64 -16.87
C LEU B 133 9.64 18.07 -15.60
N TYR B 134 8.49 17.48 -15.82
CA TYR B 134 7.70 16.78 -14.77
C TYR B 134 7.34 15.43 -15.36
N LEU B 135 8.05 14.39 -14.97
CA LEU B 135 7.90 13.02 -15.51
C LEU B 135 6.46 12.54 -15.27
N SER B 136 5.97 12.83 -14.05
CA SER B 136 4.85 12.15 -13.39
C SER B 136 3.65 13.09 -13.32
N HIS B 137 2.49 12.54 -12.95
CA HIS B 137 1.35 13.38 -12.50
C HIS B 137 0.56 12.68 -11.40
N LEU B 138 -0.23 13.50 -10.73
CA LEU B 138 -1.13 13.10 -9.63
C LEU B 138 -2.55 13.34 -10.14
N GLU B 139 -3.47 12.51 -9.67
CA GLU B 139 -4.92 12.71 -9.84
C GLU B 139 -5.49 12.48 -8.43
N ALA B 140 -6.35 13.35 -7.92
CA ALA B 140 -6.81 13.21 -6.52
C ALA B 140 -8.28 13.63 -6.45
N ARG B 141 -9.04 12.97 -5.59
CA ARG B 141 -10.42 13.40 -5.22
C ARG B 141 -10.60 13.12 -3.74
N PHE B 142 -11.19 14.05 -3.00
CA PHE B 142 -11.45 13.88 -1.55
C PHE B 142 -12.87 14.30 -1.25
N ASP B 143 -13.54 13.56 -0.35
CA ASP B 143 -14.81 13.98 0.29
CA ASP B 143 -14.84 13.99 0.22
C ASP B 143 -14.60 15.35 0.90
N SER B 144 -15.63 16.18 0.95
CA SER B 144 -15.52 17.54 1.55
C SER B 144 -15.14 17.43 3.05
N SER B 145 -15.33 16.29 3.68
CA SER B 145 -15.07 16.05 5.12
C SER B 145 -13.60 15.81 5.44
N VAL B 146 -12.77 15.46 4.46
CA VAL B 146 -11.38 15.03 4.77
C VAL B 146 -10.60 16.23 5.30
N PRO B 147 -9.98 16.11 6.49
CA PRO B 147 -9.15 17.19 7.03
C PRO B 147 -8.04 17.58 6.06
N GLU B 148 -7.72 18.86 5.97
CA GLU B 148 -6.65 19.32 5.05
C GLU B 148 -5.32 18.68 5.42
N LYS B 149 -5.02 18.55 6.72
CA LYS B 149 -3.75 17.92 7.16
C LYS B 149 -3.64 16.49 6.62
N VAL B 150 -4.74 15.77 6.51
CA VAL B 150 -4.71 14.39 5.92
C VAL B 150 -4.43 14.45 4.42
N ILE B 151 -5.01 15.42 3.75
CA ILE B 151 -4.75 15.62 2.30
C ILE B 151 -3.25 15.86 2.11
N LYS B 152 -2.66 16.73 2.93
CA LYS B 152 -1.23 17.08 2.83
C LYS B 152 -0.40 15.81 3.01
N ARG B 153 -0.79 14.94 3.95
CA ARG B 153 -0.05 13.69 4.26
C ARG B 153 0.01 12.77 3.05
N ILE B 154 -1.13 12.51 2.42
CA ILE B 154 -1.23 11.56 1.29
C ILE B 154 -0.47 12.19 0.11
N ILE B 155 -0.55 13.50 -0.06
CA ILE B 155 0.25 14.17 -1.13
C ILE B 155 1.76 13.97 -0.85
N ARG B 156 2.21 14.27 0.36
CA ARG B 156 3.64 14.13 0.75
C ARG B 156 4.04 12.67 0.49
N PHE B 157 3.19 11.70 0.86
CA PHE B 157 3.43 10.26 0.60
C PHE B 157 3.61 9.98 -0.89
N ILE B 158 2.66 10.41 -1.71
CA ILE B 158 2.65 10.02 -3.15
C ILE B 158 3.86 10.69 -3.82
N LEU B 159 4.26 11.88 -3.39
CA LEU B 159 5.43 12.55 -4.00
C LEU B 159 6.72 11.79 -3.64
N GLU B 160 6.84 11.34 -2.39
CA GLU B 160 8.01 10.49 -1.97
C GLU B 160 8.02 9.20 -2.80
N GLN B 161 6.84 8.60 -3.03
CA GLN B 161 6.74 7.32 -3.79
C GLN B 161 7.25 7.54 -5.21
N LEU B 162 6.81 8.62 -5.85
CA LEU B 162 7.24 8.92 -7.24
C LEU B 162 8.74 9.20 -7.25
N LYS B 163 9.25 9.99 -6.29
CA LYS B 163 10.68 10.40 -6.29
C LYS B 163 11.51 9.14 -6.10
N ALA B 164 11.05 8.25 -5.22
CA ALA B 164 11.72 6.97 -4.93
C ALA B 164 11.75 6.10 -6.19
N LYS B 165 10.81 6.28 -7.12
CA LYS B 165 10.76 5.53 -8.40
C LYS B 165 11.51 6.29 -9.50
N GLY B 166 12.23 7.34 -9.13
CA GLY B 166 13.09 8.15 -10.03
C GLY B 166 12.37 9.33 -10.67
N SER B 167 11.17 9.70 -10.22
CA SER B 167 10.49 10.88 -10.82
C SER B 167 11.27 12.14 -10.45
N TYR B 168 11.41 13.04 -11.39
CA TYR B 168 12.05 14.34 -11.16
C TYR B 168 11.00 15.44 -11.04
N GLY B 169 9.70 15.08 -11.05
CA GLY B 169 8.67 16.13 -11.02
C GLY B 169 7.29 15.60 -11.29
N ALA B 170 6.29 16.26 -10.74
CA ALA B 170 4.90 15.80 -10.85
C ALA B 170 4.02 16.98 -11.23
N SER B 171 3.18 16.80 -12.23
CA SER B 171 2.13 17.75 -12.64
C SER B 171 0.79 17.26 -12.09
N MET B 172 -0.21 18.09 -12.23
CA MET B 172 -1.58 17.67 -11.88
C MET B 172 -2.52 18.60 -12.61
N LEU B 173 -3.61 18.05 -13.12
CA LEU B 173 -4.70 18.85 -13.69
C LEU B 173 -5.76 18.98 -12.60
N ILE B 174 -5.89 20.14 -12.00
CA ILE B 174 -6.81 20.33 -10.86
C ILE B 174 -7.98 21.12 -11.38
N ASP B 175 -9.21 20.76 -11.00
CA ASP B 175 -10.40 21.52 -11.39
C ASP B 175 -10.23 22.97 -10.94
N SER B 176 -10.44 23.93 -11.85
CA SER B 176 -10.11 25.34 -11.56
C SER B 176 -10.93 25.87 -10.38
N TRP B 177 -12.17 25.38 -10.23
CA TRP B 177 -13.13 25.81 -9.20
C TRP B 177 -12.77 25.27 -7.80
N ARG B 178 -11.87 24.29 -7.66
CA ARG B 178 -11.52 23.72 -6.33
C ARG B 178 -10.51 24.65 -5.61
N THR B 179 -10.99 25.79 -5.16
CA THR B 179 -10.18 26.86 -4.52
C THR B 179 -9.40 26.32 -3.32
N ASN B 180 -10.06 25.56 -2.46
CA ASN B 180 -9.45 25.05 -1.20
C ASN B 180 -8.33 24.07 -1.54
N LEU B 181 -8.63 23.13 -2.42
CA LEU B 181 -7.63 22.12 -2.81
C LEU B 181 -6.46 22.81 -3.49
N ARG B 182 -6.73 23.79 -4.35
CA ARG B 182 -5.66 24.50 -5.09
C ARG B 182 -4.75 25.16 -4.04
N ARG B 183 -5.36 25.71 -3.00
CA ARG B 183 -4.55 26.42 -1.96
C ARG B 183 -3.64 25.41 -1.26
N ILE B 184 -4.14 24.21 -0.99
CA ILE B 184 -3.32 23.15 -0.33
C ILE B 184 -2.12 22.83 -1.24
N PHE B 185 -2.35 22.55 -2.53
CA PHE B 185 -1.23 22.21 -3.44
C PHE B 185 -0.25 23.39 -3.48
N THR B 186 -0.73 24.61 -3.65
CA THR B 186 0.18 25.78 -3.73
C THR B 186 1.06 25.82 -2.47
N SER B 187 0.45 25.65 -1.29
CA SER B 187 1.15 25.76 0.02
C SER B 187 2.23 24.68 0.14
N MET B 188 2.14 23.61 -0.66
CA MET B 188 3.13 22.49 -0.63
C MET B 188 4.19 22.69 -1.71
N GLY B 189 4.12 23.78 -2.49
CA GLY B 189 5.19 24.09 -3.44
C GLY B 189 4.81 23.87 -4.88
N PHE B 190 3.54 23.50 -5.15
CA PHE B 190 3.05 23.43 -6.55
C PHE B 190 2.85 24.86 -7.07
N VAL B 191 3.18 25.08 -8.35
CA VAL B 191 2.87 26.36 -9.04
C VAL B 191 1.97 26.08 -10.22
N ASP B 192 1.18 27.09 -10.59
CA ASP B 192 0.28 27.03 -11.76
C ASP B 192 1.12 27.20 -13.02
N LEU B 193 1.00 26.28 -13.97
CA LEU B 193 1.70 26.43 -15.28
C LEU B 193 0.77 27.14 -16.28
N GLN B 194 -0.44 26.62 -16.46
CA GLN B 194 -1.41 27.13 -17.47
C GLN B 194 -2.73 26.43 -17.25
N GLU B 195 -3.76 26.89 -17.96
CA GLU B 195 -5.10 26.28 -17.93
C GLU B 195 -5.21 25.27 -19.06
N TYR B 196 -6.10 24.30 -18.88
CA TYR B 196 -6.28 23.16 -19.81
C TYR B 196 -7.72 22.68 -19.64
N SER B 197 -8.39 22.38 -20.75
CA SER B 197 -9.75 21.77 -20.78
C SER B 197 -9.62 20.26 -20.94
N TRP B 198 -9.88 19.53 -19.86
CA TRP B 198 -9.98 18.06 -19.84
C TRP B 198 -11.40 17.70 -20.30
N MET B 199 -11.57 17.51 -21.61
CA MET B 199 -12.90 17.26 -22.24
C MET B 199 -13.86 18.36 -21.74
N SER B 200 -14.97 18.09 -21.08
CA SER B 200 -15.87 19.24 -20.77
C SER B 200 -15.40 20.02 -19.52
N GLU B 201 -14.19 19.82 -19.01
CA GLU B 201 -13.84 20.20 -17.60
C GLU B 201 -12.66 21.19 -17.55
N GLN B 202 -12.87 22.37 -16.96
CA GLN B 202 -11.79 23.42 -16.85
C GLN B 202 -10.81 23.06 -15.74
N LYS B 203 -9.53 22.95 -16.09
CA LYS B 203 -8.44 22.61 -15.14
C LYS B 203 -7.34 23.66 -15.17
N CYS B 204 -6.62 23.72 -14.05
CA CYS B 204 -5.30 24.37 -13.95
CA CYS B 204 -5.30 24.37 -13.95
C CYS B 204 -4.24 23.26 -13.95
N MET B 205 -3.25 23.36 -14.81
CA MET B 205 -2.11 22.44 -14.77
C MET B 205 -1.11 23.02 -13.77
N ILE B 206 -0.89 22.30 -12.69
CA ILE B 206 0.05 22.70 -11.60
C ILE B 206 1.18 21.69 -11.59
N ALA B 207 2.29 22.00 -10.93
CA ALA B 207 3.48 21.16 -11.01
C ALA B 207 4.42 21.45 -9.85
N ILE B 208 5.24 20.45 -9.54
CA ILE B 208 6.34 20.50 -8.55
C ILE B 208 7.52 19.65 -9.02
N LYS B 209 8.75 20.14 -8.79
CA LYS B 209 10.01 19.37 -8.97
C LYS B 209 10.15 18.36 -7.82
N LEU B 210 10.67 17.17 -8.15
CA LEU B 210 10.59 15.82 -7.48
C LEU B 210 9.17 15.39 -6.98
C TRS C . -9.34 -2.04 5.93
C1 TRS C . -8.04 -1.24 5.92
C2 TRS C . -9.24 -3.24 4.98
C3 TRS C . -9.69 -2.50 7.34
N TRS C . -10.41 -1.14 5.40
O1 TRS C . -8.17 -0.08 6.72
O2 TRS C . -8.98 -2.81 3.65
O3 TRS C . -11.07 -2.81 7.47
#